data_1UKI
#
_entry.id   1UKI
#
_cell.length_a   61.697
_cell.length_b   79.460
_cell.length_c   82.860
_cell.angle_alpha   90.00
_cell.angle_beta   90.00
_cell.angle_gamma   90.00
#
_symmetry.space_group_name_H-M   'P 21 21 21'
#
loop_
_entity.id
_entity.type
_entity.pdbx_description
1 polymer 'mitogen-activated protein kinase 8 isoform 4'
2 polymer '11-mer peptide from C-jun-amino-terminal kinase interacting protein 1'
3 non-polymer 2,6-DIHYDROANTHRA/1,9-CD/PYRAZOL-6-ONE
4 water water
#
loop_
_entity_poly.entity_id
_entity_poly.type
_entity_poly.pdbx_seq_one_letter_code
_entity_poly.pdbx_strand_id
1 'polypeptide(L)'
;MSRSKRDNNFYSVEIGDSTFTVLKRYQNLKPIGSGAQGIVCAAYDAILERNVAIKKLSRPFQNQTHAKRAYRELVLMKCV
NHKNIIGLLNVFTPQKSLEEFQDVYIVMELMDANLCQVIQMELDHERMSYLLYQMLCGIKHLHSAGIIHRDLKPSNIVVK
SDCTLKILDFGLARTAGTSFMMTPYVVTRYYRAPEVILGMGYKENVDIWSVGCIMGEMIKGGVLFPGTDHIDQWNKVIEQ
LGTPCPEFMKKLQPTVRTYVENRPKYAGYSFEKLFPDVLFPADSEHNKLKASQARDLLSKMLVIDASKRISVDEALQHPY
INVWYDPSEAEAPPPKIPDKQLDEREHTIEEWKELIYKEVMDLHHHHHH
;
A
2 'polypeptide(L)' RPKRPTTLNLF B
#
loop_
_chem_comp.id
_chem_comp.type
_chem_comp.name
_chem_comp.formula
537 non-polymer 2,6-DIHYDROANTHRA/1,9-CD/PYRAZOL-6-ONE 'C14 H8 N2 O'
#
# COMPACT_ATOMS: atom_id res chain seq x y z
N ASN A 9 14.86 32.81 4.92
CA ASN A 9 14.54 31.91 3.76
C ASN A 9 13.45 30.86 4.08
N PHE A 10 13.51 30.29 5.29
CA PHE A 10 12.55 29.30 5.76
C PHE A 10 11.68 29.98 6.81
N TYR A 11 10.62 29.31 7.26
CA TYR A 11 9.74 29.83 8.32
C TYR A 11 9.30 28.64 9.16
N SER A 12 8.97 28.90 10.43
CA SER A 12 8.57 27.82 11.31
C SER A 12 7.12 27.89 11.75
N VAL A 13 6.39 26.79 11.52
CA VAL A 13 4.99 26.66 11.93
C VAL A 13 5.00 25.60 13.01
N GLU A 14 4.45 25.92 14.17
CA GLU A 14 4.38 24.93 15.23
C GLU A 14 3.17 24.05 14.99
N ILE A 15 3.40 22.79 14.65
CA ILE A 15 2.27 21.89 14.44
C ILE A 15 2.31 20.87 15.58
N GLY A 16 1.24 20.84 16.38
CA GLY A 16 1.18 19.91 17.51
C GLY A 16 2.29 20.14 18.50
N ASP A 17 3.03 19.07 18.82
CA ASP A 17 4.15 19.15 19.76
C ASP A 17 5.52 19.19 19.08
N SER A 18 5.58 19.78 17.89
CA SER A 18 6.84 19.88 17.18
C SER A 18 6.78 21.02 16.17
N THR A 19 7.84 21.81 16.12
CA THR A 19 7.90 22.92 15.18
C THR A 19 8.29 22.38 13.81
N PHE A 20 7.54 22.79 12.79
CA PHE A 20 7.78 22.38 11.42
C PHE A 20 8.44 23.53 10.70
N THR A 21 9.76 23.49 10.53
CA THR A 21 10.45 24.58 9.89
C THR A 21 10.69 24.31 8.42
N VAL A 22 9.72 24.70 7.61
CA VAL A 22 9.78 24.48 6.18
C VAL A 22 10.04 25.75 5.39
N LEU A 23 10.14 25.55 4.07
CA LEU A 23 10.35 26.64 3.13
C LEU A 23 9.12 27.53 3.10
N LYS A 24 9.37 28.82 3.09
CA LYS A 24 8.29 29.77 3.07
C LYS A 24 7.32 29.47 1.92
N ARG A 25 7.79 28.77 0.89
CA ARG A 25 6.95 28.44 -0.25
C ARG A 25 5.80 27.51 0.13
N TYR A 26 5.74 27.08 1.38
CA TYR A 26 4.69 26.17 1.84
C TYR A 26 3.92 26.79 2.97
N GLN A 27 2.62 26.97 2.73
CA GLN A 27 1.72 27.58 3.70
C GLN A 27 0.62 26.61 4.08
N ASN A 28 -0.26 27.09 4.94
CA ASN A 28 -1.42 26.32 5.37
C ASN A 28 -1.13 24.93 5.84
N LEU A 29 0.07 24.69 6.35
CA LEU A 29 0.39 23.36 6.83
C LEU A 29 -0.66 22.91 7.86
N LYS A 30 -1.18 21.70 7.68
CA LYS A 30 -2.19 21.14 8.58
C LYS A 30 -1.88 19.64 8.73
N PRO A 31 -1.76 19.14 9.96
CA PRO A 31 -1.46 17.73 10.23
C PRO A 31 -2.59 16.77 9.94
N ILE A 32 -2.26 15.75 9.17
CA ILE A 32 -3.16 14.68 8.77
C ILE A 32 -2.37 13.39 9.00
N GLY A 33 -1.06 13.59 9.16
CA GLY A 33 -0.15 12.48 9.38
C GLY A 33 0.16 12.23 10.84
N SER A 34 -0.57 11.28 11.40
CA SER A 34 -0.39 10.89 12.78
C SER A 34 0.26 9.51 12.78
N GLY A 35 0.97 9.22 11.69
CA GLY A 35 1.66 7.93 11.55
C GLY A 35 2.95 7.97 12.35
N ALA A 36 3.52 6.79 12.60
CA ALA A 36 4.76 6.66 13.38
C ALA A 36 6.05 7.00 12.61
N GLN A 37 6.09 6.71 11.31
CA GLN A 37 7.30 6.99 10.54
C GLN A 37 7.54 8.51 10.42
N GLY A 38 6.52 9.29 10.81
CA GLY A 38 6.63 10.73 10.77
C GLY A 38 5.31 11.46 10.80
N ILE A 39 5.38 12.78 10.96
CA ILE A 39 4.19 13.62 10.99
C ILE A 39 4.05 14.21 9.61
N VAL A 40 2.88 14.06 9.00
CA VAL A 40 2.68 14.62 7.67
C VAL A 40 1.58 15.70 7.67
N CYS A 41 1.89 16.86 7.11
CA CYS A 41 0.89 17.92 7.05
C CYS A 41 0.46 18.12 5.64
N ALA A 42 -0.55 18.97 5.50
CA ALA A 42 -1.08 19.33 4.20
C ALA A 42 -0.74 20.81 4.09
N ALA A 43 0.12 21.14 3.14
CA ALA A 43 0.49 22.53 2.93
C ALA A 43 -0.09 23.02 1.61
N TYR A 44 0.53 24.07 1.07
CA TYR A 44 0.14 24.64 -0.20
C TYR A 44 1.44 25.10 -0.81
N ASP A 45 1.73 24.67 -2.03
CA ASP A 45 2.97 25.10 -2.64
C ASP A 45 2.79 26.30 -3.55
N ALA A 46 2.82 27.48 -2.92
CA ALA A 46 2.66 28.76 -3.58
C ALA A 46 3.47 28.88 -4.86
N ILE A 47 4.51 28.07 -5.01
CA ILE A 47 5.35 28.15 -6.20
C ILE A 47 4.96 27.14 -7.26
N LEU A 48 3.68 26.80 -7.29
CA LEU A 48 3.13 25.85 -8.24
C LEU A 48 1.64 26.03 -8.12
N GLU A 49 1.26 26.59 -6.98
CA GLU A 49 -0.12 26.83 -6.68
C GLU A 49 -0.76 25.46 -6.73
N ARG A 50 -0.41 24.62 -5.78
CA ARG A 50 -0.97 23.28 -5.73
C ARG A 50 -0.76 22.63 -4.37
N ASN A 51 -1.65 21.70 -4.04
CA ASN A 51 -1.57 21.02 -2.76
C ASN A 51 -0.51 19.93 -2.76
N VAL A 52 0.34 20.01 -1.73
CA VAL A 52 1.44 19.10 -1.55
C VAL A 52 1.30 18.44 -0.19
N ALA A 53 2.23 17.54 0.13
CA ALA A 53 2.24 16.85 1.43
C ALA A 53 3.66 16.88 1.97
N ILE A 54 3.83 17.54 3.12
CA ILE A 54 5.14 17.67 3.77
C ILE A 54 5.23 16.75 4.97
N LYS A 55 6.24 15.85 4.97
CA LYS A 55 6.47 14.91 6.08
C LYS A 55 7.82 15.13 6.71
N LYS A 56 7.82 15.39 8.01
CA LYS A 56 9.02 15.63 8.76
C LYS A 56 9.50 14.47 9.56
N LEU A 57 10.76 14.13 9.35
CA LEU A 57 11.42 13.07 10.09
C LEU A 57 12.32 13.83 11.06
N SER A 58 11.98 13.83 12.35
CA SER A 58 12.79 14.51 13.34
C SER A 58 14.00 13.64 13.63
N ARG A 59 15.19 14.20 13.39
CA ARG A 59 16.44 13.47 13.59
C ARG A 59 16.24 12.01 13.18
N PRO A 60 16.20 11.76 11.87
CA PRO A 60 16.01 10.39 11.42
C PRO A 60 17.11 9.57 12.08
N PHE A 61 18.31 10.14 12.13
CA PHE A 61 19.43 9.48 12.77
C PHE A 61 19.31 9.67 14.28
N GLN A 62 19.61 8.62 15.02
CA GLN A 62 19.52 8.64 16.48
C GLN A 62 19.64 7.21 16.97
N ASN A 63 19.68 6.27 16.02
CA ASN A 63 19.80 4.84 16.32
C ASN A 63 19.83 4.08 14.99
N GLN A 64 20.75 3.13 14.89
CA GLN A 64 20.93 2.34 13.68
C GLN A 64 19.62 2.09 12.93
N THR A 65 18.57 1.79 13.68
CA THR A 65 17.28 1.52 13.07
C THR A 65 16.75 2.69 12.26
N HIS A 66 16.22 3.69 12.95
CA HIS A 66 15.66 4.86 12.29
C HIS A 66 16.50 5.41 11.15
N ALA A 67 17.77 5.69 11.41
CA ALA A 67 18.65 6.21 10.38
C ALA A 67 18.59 5.38 9.11
N LYS A 68 18.33 4.08 9.27
CA LYS A 68 18.27 3.15 8.15
C LYS A 68 16.88 3.14 7.53
N ARG A 69 15.87 3.11 8.38
CA ARG A 69 14.48 3.12 7.94
C ARG A 69 14.28 4.39 7.12
N ALA A 70 14.96 5.45 7.56
CA ALA A 70 14.89 6.76 6.90
C ALA A 70 15.70 6.75 5.61
N TYR A 71 16.94 6.28 5.69
CA TYR A 71 17.82 6.21 4.53
C TYR A 71 17.16 5.37 3.44
N ARG A 72 16.38 4.37 3.84
CA ARG A 72 15.67 3.51 2.90
C ARG A 72 14.73 4.40 2.09
N GLU A 73 13.74 4.95 2.80
CA GLU A 73 12.71 5.81 2.25
C GLU A 73 13.29 6.86 1.31
N LEU A 74 14.19 7.69 1.83
CA LEU A 74 14.82 8.74 1.04
C LEU A 74 15.21 8.24 -0.33
N VAL A 75 16.07 7.23 -0.32
CA VAL A 75 16.58 6.60 -1.54
C VAL A 75 15.46 6.19 -2.48
N LEU A 76 14.58 5.33 -1.97
CA LEU A 76 13.44 4.81 -2.71
C LEU A 76 12.68 5.89 -3.44
N MET A 77 12.23 6.90 -2.70
CA MET A 77 11.48 8.03 -3.22
C MET A 77 12.17 8.73 -4.39
N LYS A 78 13.49 8.82 -4.31
CA LYS A 78 14.27 9.46 -5.36
C LYS A 78 14.29 8.71 -6.68
N CYS A 79 14.30 7.39 -6.62
CA CYS A 79 14.36 6.60 -7.85
C CYS A 79 13.06 5.92 -8.25
N VAL A 80 12.13 5.80 -7.30
CA VAL A 80 10.86 5.16 -7.60
C VAL A 80 9.96 6.20 -8.28
N ASN A 81 9.43 5.84 -9.44
CA ASN A 81 8.57 6.78 -10.16
C ASN A 81 7.47 6.18 -11.04
N HIS A 82 6.24 6.38 -10.60
CA HIS A 82 5.05 5.89 -11.28
C HIS A 82 3.84 6.71 -10.88
N LYS A 83 2.87 6.82 -11.79
CA LYS A 83 1.65 7.58 -11.54
C LYS A 83 0.75 6.94 -10.48
N ASN A 84 1.01 5.69 -10.13
CA ASN A 84 0.20 5.00 -9.14
C ASN A 84 0.96 4.80 -7.84
N ILE A 85 2.03 5.57 -7.66
CA ILE A 85 2.85 5.51 -6.45
C ILE A 85 3.11 6.94 -5.99
N ILE A 86 2.99 7.17 -4.69
CA ILE A 86 3.20 8.49 -4.08
C ILE A 86 4.52 9.09 -4.59
N GLY A 87 4.40 10.05 -5.50
CA GLY A 87 5.58 10.68 -6.05
C GLY A 87 6.21 11.80 -5.22
N LEU A 88 7.54 11.86 -5.25
CA LEU A 88 8.27 12.85 -4.51
C LEU A 88 8.22 14.22 -5.20
N LEU A 89 8.22 15.26 -4.40
CA LEU A 89 8.19 16.61 -4.92
C LEU A 89 9.39 17.37 -4.43
N ASN A 90 9.84 17.08 -3.19
CA ASN A 90 10.98 17.81 -2.67
C ASN A 90 11.41 17.41 -1.28
N VAL A 91 12.69 17.11 -1.13
CA VAL A 91 13.28 16.76 0.15
C VAL A 91 14.29 17.90 0.41
N PHE A 92 14.25 18.45 1.63
CA PHE A 92 15.12 19.56 1.98
C PHE A 92 15.38 19.52 3.46
N THR A 93 16.35 20.32 3.91
CA THR A 93 16.69 20.43 5.32
C THR A 93 16.96 21.89 5.66
N PRO A 94 16.47 22.37 6.82
CA PRO A 94 16.69 23.75 7.22
C PRO A 94 18.12 23.93 7.75
N GLN A 95 18.68 22.86 8.32
CA GLN A 95 20.04 22.88 8.85
C GLN A 95 21.01 23.25 7.72
N LYS A 96 21.87 24.21 8.02
CA LYS A 96 22.84 24.73 7.05
C LYS A 96 24.02 23.78 6.77
N SER A 97 24.40 22.98 7.74
CA SER A 97 25.51 22.06 7.53
C SER A 97 25.31 20.70 8.17
N LEU A 98 26.21 19.78 7.82
CA LEU A 98 26.20 18.42 8.34
C LEU A 98 26.32 18.53 9.85
N GLU A 99 26.98 19.59 10.27
CA GLU A 99 27.19 19.83 11.68
C GLU A 99 25.83 19.90 12.36
N GLU A 100 25.16 21.03 12.21
CA GLU A 100 23.86 21.24 12.81
C GLU A 100 22.78 20.38 12.18
N PHE A 101 23.09 19.81 11.02
CA PHE A 101 22.14 18.96 10.33
C PHE A 101 21.48 17.97 11.30
N GLN A 102 20.16 17.98 11.35
CA GLN A 102 19.43 17.06 12.24
C GLN A 102 17.91 16.95 12.03
N ASP A 103 17.43 17.32 10.84
CA ASP A 103 16.00 17.25 10.52
C ASP A 103 15.74 17.16 9.02
N VAL A 104 14.93 16.18 8.61
CA VAL A 104 14.63 15.99 7.18
C VAL A 104 13.15 16.13 6.85
N TYR A 105 12.85 16.83 5.76
CA TYR A 105 11.47 17.08 5.32
C TYR A 105 11.26 16.63 3.89
N ILE A 106 10.21 15.87 3.65
CA ILE A 106 9.92 15.39 2.32
C ILE A 106 8.60 15.93 1.85
N VAL A 107 8.61 16.55 0.68
CA VAL A 107 7.40 17.06 0.08
C VAL A 107 7.08 16.03 -0.98
N MET A 108 5.81 15.72 -1.14
CA MET A 108 5.37 14.75 -2.13
C MET A 108 3.92 15.08 -2.36
N GLU A 109 3.33 14.55 -3.43
CA GLU A 109 1.95 14.87 -3.75
C GLU A 109 0.91 14.57 -2.70
N LEU A 110 -0.14 15.39 -2.70
CA LEU A 110 -1.24 15.28 -1.74
C LEU A 110 -2.49 14.65 -2.36
N MET A 111 -2.88 13.50 -1.83
CA MET A 111 -4.06 12.83 -2.30
C MET A 111 -5.22 13.16 -1.38
N ASP A 112 -6.43 12.98 -1.88
CA ASP A 112 -7.64 13.30 -1.14
C ASP A 112 -7.99 12.41 0.06
N ALA A 113 -7.72 11.11 -0.02
CA ALA A 113 -8.01 10.18 1.08
C ALA A 113 -7.78 8.73 0.70
N ASN A 114 -7.54 7.87 1.70
CA ASN A 114 -7.30 6.45 1.43
C ASN A 114 -8.57 5.71 1.08
N LEU A 115 -8.48 4.40 0.95
CA LEU A 115 -9.65 3.60 0.60
C LEU A 115 -10.51 3.19 1.79
N CYS A 116 -10.07 3.51 3.00
CA CYS A 116 -10.81 3.17 4.21
C CYS A 116 -12.33 3.28 4.12
N GLN A 117 -12.85 4.31 3.46
CA GLN A 117 -14.30 4.44 3.37
C GLN A 117 -14.83 4.17 1.98
N VAL A 118 -14.24 4.82 0.98
CA VAL A 118 -14.70 4.66 -0.39
C VAL A 118 -15.12 3.21 -0.65
N ILE A 119 -14.44 2.25 -0.03
CA ILE A 119 -14.77 0.85 -0.20
C ILE A 119 -16.17 0.49 0.24
N GLN A 120 -16.58 1.03 1.39
CA GLN A 120 -17.93 0.76 1.89
C GLN A 120 -18.92 1.10 0.80
N MET A 121 -18.89 2.37 0.41
CA MET A 121 -19.77 2.95 -0.62
C MET A 121 -19.97 1.99 -1.80
N GLU A 122 -20.93 2.31 -2.67
CA GLU A 122 -21.18 1.46 -3.83
C GLU A 122 -20.63 2.06 -5.12
N LEU A 123 -19.64 1.38 -5.70
CA LEU A 123 -18.97 1.80 -6.94
C LEU A 123 -19.13 0.78 -8.07
N ASP A 124 -19.38 1.25 -9.29
CA ASP A 124 -19.55 0.36 -10.44
C ASP A 124 -18.27 -0.39 -10.81
N HIS A 125 -18.38 -1.42 -11.62
CA HIS A 125 -17.19 -2.16 -12.02
C HIS A 125 -16.17 -1.24 -12.62
N GLU A 126 -16.66 -0.28 -13.41
CA GLU A 126 -15.79 0.68 -14.05
C GLU A 126 -14.82 1.29 -13.03
N ARG A 127 -15.36 1.99 -12.02
CA ARG A 127 -14.52 2.62 -11.02
C ARG A 127 -13.76 1.60 -10.19
N MET A 128 -14.40 0.49 -9.89
CA MET A 128 -13.77 -0.54 -9.11
C MET A 128 -12.67 -1.27 -9.85
N SER A 129 -13.04 -2.08 -10.83
CA SER A 129 -12.06 -2.80 -11.60
C SER A 129 -10.88 -1.88 -11.94
N TYR A 130 -11.18 -0.62 -12.18
CA TYR A 130 -10.15 0.37 -12.52
C TYR A 130 -9.23 0.69 -11.35
N LEU A 131 -9.79 1.16 -10.25
CA LEU A 131 -8.97 1.46 -9.10
C LEU A 131 -8.04 0.31 -8.83
N LEU A 132 -8.55 -0.90 -9.05
CA LEU A 132 -7.76 -2.14 -8.88
C LEU A 132 -6.63 -2.13 -9.88
N TYR A 133 -7.00 -2.01 -11.15
CA TYR A 133 -6.06 -1.97 -12.25
C TYR A 133 -4.89 -1.07 -11.90
N GLN A 134 -5.21 0.08 -11.32
CA GLN A 134 -4.18 1.04 -10.95
C GLN A 134 -3.28 0.52 -9.85
N MET A 135 -3.83 -0.23 -8.91
CA MET A 135 -3.04 -0.77 -7.81
C MET A 135 -2.03 -1.77 -8.33
N LEU A 136 -2.46 -2.60 -9.27
CA LEU A 136 -1.54 -3.58 -9.82
C LEU A 136 -0.43 -2.85 -10.54
N CYS A 137 -0.74 -1.69 -11.09
CA CYS A 137 0.27 -0.94 -11.78
C CYS A 137 1.40 -0.47 -10.86
N GLY A 138 1.05 0.09 -9.71
CA GLY A 138 2.10 0.55 -8.79
C GLY A 138 2.83 -0.65 -8.23
N ILE A 139 2.05 -1.53 -7.61
CA ILE A 139 2.55 -2.78 -7.04
C ILE A 139 3.53 -3.44 -7.99
N LYS A 140 3.08 -3.70 -9.20
CA LYS A 140 3.93 -4.33 -10.21
C LYS A 140 5.24 -3.56 -10.30
N HIS A 141 5.13 -2.26 -10.56
CA HIS A 141 6.30 -1.39 -10.67
C HIS A 141 7.18 -1.56 -9.45
N LEU A 142 6.58 -1.41 -8.29
CA LEU A 142 7.26 -1.56 -7.02
C LEU A 142 8.04 -2.86 -7.07
N HIS A 143 7.32 -3.93 -7.37
CA HIS A 143 7.94 -5.23 -7.49
C HIS A 143 9.11 -5.26 -8.45
N SER A 144 8.90 -4.77 -9.68
CA SER A 144 9.96 -4.76 -10.68
C SER A 144 11.16 -3.95 -10.19
N ALA A 145 11.01 -3.38 -8.99
CA ALA A 145 12.08 -2.60 -8.37
C ALA A 145 12.52 -3.27 -7.05
N GLY A 146 12.74 -4.58 -7.10
CA GLY A 146 13.16 -5.33 -5.91
C GLY A 146 12.41 -4.97 -4.64
N ILE A 147 11.22 -4.38 -4.80
CA ILE A 147 10.41 -3.97 -3.67
C ILE A 147 9.08 -4.68 -3.61
N ILE A 148 8.82 -5.29 -2.46
CA ILE A 148 7.58 -5.99 -2.20
C ILE A 148 7.02 -5.30 -0.96
N HIS A 149 5.78 -4.80 -1.04
CA HIS A 149 5.15 -4.05 0.07
C HIS A 149 4.83 -4.82 1.34
N ARG A 150 4.03 -5.88 1.21
CA ARG A 150 3.62 -6.74 2.31
C ARG A 150 2.52 -6.14 3.16
N ASP A 151 2.69 -4.86 3.50
CA ASP A 151 1.76 -4.14 4.34
C ASP A 151 0.76 -3.30 3.52
N LEU A 152 0.07 -3.96 2.59
CA LEU A 152 -0.91 -3.27 1.78
C LEU A 152 -2.31 -3.26 2.39
N LYS A 153 -2.69 -2.13 2.98
CA LYS A 153 -4.02 -1.96 3.59
C LYS A 153 -4.64 -0.66 3.06
N PRO A 154 -5.96 -0.61 2.86
CA PRO A 154 -6.59 0.62 2.35
C PRO A 154 -6.20 1.82 3.18
N SER A 155 -5.75 1.55 4.40
CA SER A 155 -5.28 2.57 5.32
C SER A 155 -4.10 3.35 4.70
N ASN A 156 -3.38 2.73 3.75
CA ASN A 156 -2.24 3.39 3.11
C ASN A 156 -2.30 3.45 1.56
N ILE A 157 -3.51 3.40 1.03
CA ILE A 157 -3.75 3.48 -0.41
C ILE A 157 -4.64 4.67 -0.66
N VAL A 158 -4.02 5.79 -0.99
CA VAL A 158 -4.74 7.03 -1.23
C VAL A 158 -5.35 7.17 -2.60
N VAL A 159 -6.48 7.89 -2.65
CA VAL A 159 -7.19 8.14 -3.89
C VAL A 159 -7.50 9.61 -4.02
N LYS A 160 -7.94 10.01 -5.20
CA LYS A 160 -8.25 11.40 -5.47
C LYS A 160 -9.64 11.50 -6.05
N SER A 161 -10.19 12.71 -5.99
CA SER A 161 -11.50 12.99 -6.51
C SER A 161 -11.63 12.58 -7.98
N ASP A 162 -10.55 12.71 -8.75
CA ASP A 162 -10.58 12.36 -10.17
C ASP A 162 -10.48 10.86 -10.40
N CYS A 163 -10.72 10.09 -9.33
CA CYS A 163 -10.67 8.64 -9.37
C CYS A 163 -9.26 8.12 -9.61
N THR A 164 -8.26 8.86 -9.15
CA THR A 164 -6.88 8.43 -9.29
C THR A 164 -6.43 7.69 -8.03
N LEU A 165 -5.68 6.62 -8.25
CA LEU A 165 -5.20 5.78 -7.16
C LEU A 165 -3.66 5.78 -7.10
N LYS A 166 -3.11 5.74 -5.90
CA LYS A 166 -1.65 5.70 -5.70
C LYS A 166 -1.31 4.96 -4.42
N ILE A 167 -0.02 4.67 -4.22
CA ILE A 167 0.38 3.97 -3.00
C ILE A 167 1.21 4.87 -2.11
N LEU A 168 0.96 4.82 -0.80
CA LEU A 168 1.66 5.67 0.13
C LEU A 168 3.09 5.29 0.50
N ASP A 169 3.27 4.13 1.11
CA ASP A 169 4.62 3.72 1.50
C ASP A 169 5.07 2.45 0.79
N PHE A 170 6.09 1.81 1.36
CA PHE A 170 6.64 0.58 0.82
C PHE A 170 6.56 -0.31 2.05
N GLY A 171 5.77 0.18 3.00
CA GLY A 171 5.52 -0.49 4.25
C GLY A 171 6.72 -1.13 4.91
N LEU A 172 6.65 -2.46 5.03
CA LEU A 172 7.68 -3.25 5.69
C LEU A 172 9.05 -3.14 5.04
N ALA A 173 9.16 -3.70 3.84
CA ALA A 173 10.41 -3.69 3.07
C ALA A 173 11.60 -4.39 3.76
N ARG A 174 12.34 -5.17 2.96
CA ARG A 174 13.53 -5.93 3.39
C ARG A 174 14.50 -6.14 2.21
N THR A 188 -6.74 -3.74 10.61
CA THR A 188 -5.35 -3.43 10.31
C THR A 188 -4.46 -4.58 10.72
N ARG A 189 -4.48 -5.61 9.88
CA ARG A 189 -3.72 -6.86 10.05
C ARG A 189 -4.49 -7.90 9.27
N TYR A 190 -5.73 -7.56 8.96
CA TYR A 190 -6.63 -8.43 8.23
C TYR A 190 -6.27 -8.41 6.76
N TYR A 191 -5.50 -7.41 6.36
CA TYR A 191 -5.11 -7.29 4.97
C TYR A 191 -3.79 -7.96 4.61
N ARG A 192 -3.16 -8.58 5.61
CA ARG A 192 -1.90 -9.30 5.39
C ARG A 192 -2.18 -10.74 4.91
N ALA A 193 -1.21 -11.35 4.26
CA ALA A 193 -1.37 -12.70 3.73
C ALA A 193 -0.95 -13.81 4.68
N PRO A 194 -1.40 -15.05 4.41
CA PRO A 194 -1.03 -16.18 5.28
C PRO A 194 0.49 -16.30 5.48
N GLU A 195 1.26 -16.16 4.41
CA GLU A 195 2.72 -16.27 4.47
C GLU A 195 3.34 -15.39 5.55
N VAL A 196 2.66 -14.30 5.88
CA VAL A 196 3.16 -13.40 6.93
C VAL A 196 2.48 -13.79 8.23
N ILE A 197 1.18 -14.07 8.16
CA ILE A 197 0.41 -14.48 9.32
C ILE A 197 1.12 -15.65 10.02
N LEU A 198 1.21 -16.81 9.35
CA LEU A 198 1.87 -17.97 9.92
C LEU A 198 3.38 -17.81 10.00
N GLY A 199 3.91 -16.90 9.21
CA GLY A 199 5.35 -16.68 9.19
C GLY A 199 6.01 -17.74 8.33
N MET A 200 6.19 -17.44 7.05
CA MET A 200 6.81 -18.38 6.12
C MET A 200 7.34 -17.67 4.89
N GLY A 201 7.80 -18.48 3.94
CA GLY A 201 8.31 -17.95 2.70
C GLY A 201 7.23 -17.17 2.00
N TYR A 202 7.60 -15.99 1.50
CA TYR A 202 6.67 -15.12 0.80
C TYR A 202 7.33 -14.67 -0.50
N LYS A 203 6.60 -14.84 -1.60
CA LYS A 203 7.10 -14.46 -2.90
C LYS A 203 6.59 -13.07 -3.28
N GLU A 204 6.76 -12.71 -4.55
CA GLU A 204 6.33 -11.40 -5.02
C GLU A 204 4.80 -11.33 -4.99
N ASN A 205 4.13 -12.39 -5.45
CA ASN A 205 2.68 -12.45 -5.47
C ASN A 205 2.08 -12.39 -4.06
N VAL A 206 2.91 -12.05 -3.09
CA VAL A 206 2.46 -11.94 -1.70
C VAL A 206 1.44 -10.80 -1.54
N ASP A 207 1.73 -9.67 -2.18
CA ASP A 207 0.84 -8.51 -2.12
C ASP A 207 -0.47 -8.69 -2.90
N ILE A 208 -0.65 -9.86 -3.53
CA ILE A 208 -1.86 -10.16 -4.30
C ILE A 208 -2.95 -10.56 -3.33
N TRP A 209 -2.56 -11.15 -2.21
CA TRP A 209 -3.53 -11.53 -1.21
C TRP A 209 -4.19 -10.26 -0.70
N SER A 210 -3.35 -9.30 -0.29
CA SER A 210 -3.82 -8.02 0.23
C SER A 210 -4.84 -7.39 -0.72
N VAL A 211 -4.44 -7.24 -1.98
CA VAL A 211 -5.35 -6.67 -2.97
C VAL A 211 -6.63 -7.51 -2.94
N GLY A 212 -6.49 -8.82 -3.04
CA GLY A 212 -7.66 -9.67 -3.01
C GLY A 212 -8.66 -9.20 -1.95
N CYS A 213 -8.23 -9.20 -0.69
CA CYS A 213 -9.11 -8.77 0.40
C CYS A 213 -9.81 -7.46 0.02
N ILE A 214 -9.03 -6.39 -0.06
CA ILE A 214 -9.56 -5.08 -0.41
C ILE A 214 -10.67 -5.17 -1.46
N MET A 215 -10.40 -5.85 -2.57
CA MET A 215 -11.41 -6.01 -3.61
C MET A 215 -12.66 -6.63 -3.00
N GLY A 216 -12.48 -7.75 -2.31
CA GLY A 216 -13.62 -8.40 -1.68
C GLY A 216 -14.22 -7.44 -0.68
N GLU A 217 -13.41 -7.05 0.30
CA GLU A 217 -13.79 -6.12 1.35
C GLU A 217 -14.42 -4.88 0.71
N MET A 218 -14.29 -4.77 -0.60
CA MET A 218 -14.81 -3.65 -1.38
C MET A 218 -16.21 -4.02 -1.87
N ILE A 219 -16.41 -5.30 -2.13
CA ILE A 219 -17.69 -5.83 -2.58
C ILE A 219 -18.53 -6.26 -1.36
N LYS A 220 -17.90 -7.02 -0.47
CA LYS A 220 -18.54 -7.50 0.74
C LYS A 220 -19.11 -6.30 1.53
N GLY A 221 -18.40 -5.18 1.46
CA GLY A 221 -18.84 -4.00 2.17
C GLY A 221 -18.44 -4.12 3.63
N GLY A 222 -17.38 -4.89 3.88
CA GLY A 222 -16.92 -5.05 5.25
C GLY A 222 -15.76 -6.03 5.28
N VAL A 223 -14.82 -5.77 6.18
CA VAL A 223 -13.63 -6.63 6.33
C VAL A 223 -13.87 -8.08 5.96
N LEU A 224 -13.14 -8.56 4.97
CA LEU A 224 -13.29 -9.94 4.56
C LEU A 224 -12.92 -10.89 5.68
N PHE A 225 -11.74 -10.69 6.25
CA PHE A 225 -11.28 -11.56 7.33
C PHE A 225 -10.87 -10.79 8.55
N PRO A 226 -11.80 -10.62 9.51
CA PRO A 226 -11.67 -9.92 10.79
C PRO A 226 -10.73 -10.62 11.77
N GLY A 227 -11.27 -11.12 12.86
CA GLY A 227 -10.45 -11.81 13.83
C GLY A 227 -9.86 -10.87 14.86
N THR A 228 -10.01 -11.27 16.11
CA THR A 228 -9.53 -10.52 17.24
C THR A 228 -8.01 -10.67 17.31
N ASP A 229 -7.52 -11.83 16.89
CA ASP A 229 -6.08 -12.12 16.90
C ASP A 229 -5.61 -12.80 15.64
N HIS A 230 -4.30 -12.90 15.48
CA HIS A 230 -3.73 -13.54 14.31
C HIS A 230 -4.12 -15.01 14.25
N ILE A 231 -4.65 -15.52 15.35
CA ILE A 231 -5.06 -16.93 15.38
C ILE A 231 -6.51 -16.98 14.91
N ASP A 232 -7.35 -16.21 15.58
CA ASP A 232 -8.75 -16.14 15.22
C ASP A 232 -8.79 -15.62 13.79
N GLN A 233 -7.67 -15.06 13.35
CA GLN A 233 -7.55 -14.50 11.99
C GLN A 233 -7.39 -15.64 10.99
N TRP A 234 -6.45 -16.53 11.29
CA TRP A 234 -6.20 -17.66 10.41
C TRP A 234 -7.43 -18.55 10.39
N ASN A 235 -8.10 -18.64 11.53
CA ASN A 235 -9.28 -19.46 11.65
C ASN A 235 -10.39 -19.03 10.71
N LYS A 236 -10.75 -17.74 10.74
CA LYS A 236 -11.83 -17.20 9.90
C LYS A 236 -11.53 -17.27 8.40
N VAL A 237 -10.25 -17.33 8.06
CA VAL A 237 -9.81 -17.38 6.66
C VAL A 237 -9.98 -18.78 6.09
N ILE A 238 -9.65 -19.79 6.89
CA ILE A 238 -9.76 -21.17 6.47
C ILE A 238 -11.25 -21.44 6.40
N GLU A 239 -11.88 -21.19 7.53
CA GLU A 239 -13.30 -21.36 7.68
C GLU A 239 -13.97 -20.89 6.40
N GLN A 240 -13.83 -19.59 6.15
CA GLN A 240 -14.39 -18.94 4.98
C GLN A 240 -13.91 -19.55 3.66
N LEU A 241 -12.62 -19.40 3.36
CA LEU A 241 -12.04 -19.89 2.11
C LEU A 241 -12.04 -21.40 1.94
N GLY A 242 -11.21 -22.08 2.72
CA GLY A 242 -11.14 -23.51 2.62
C GLY A 242 -9.81 -24.05 3.08
N THR A 243 -9.89 -25.04 3.96
CA THR A 243 -8.74 -25.73 4.53
C THR A 243 -7.64 -26.01 3.52
N PRO A 244 -6.38 -25.67 3.84
CA PRO A 244 -5.26 -25.90 2.94
C PRO A 244 -5.16 -27.37 2.61
N CYS A 245 -5.26 -27.72 1.33
CA CYS A 245 -5.14 -29.12 0.95
C CYS A 245 -3.85 -29.63 1.58
N PRO A 246 -3.94 -30.68 2.41
CA PRO A 246 -2.80 -31.28 3.10
C PRO A 246 -1.39 -31.03 2.55
N GLU A 247 -1.20 -31.12 1.24
CA GLU A 247 0.14 -30.89 0.73
C GLU A 247 0.73 -29.62 1.35
N PHE A 248 -0.04 -28.53 1.33
CA PHE A 248 0.38 -27.25 1.86
C PHE A 248 0.56 -27.28 3.37
N MET A 249 -0.39 -27.91 4.06
CA MET A 249 -0.34 -28.01 5.52
C MET A 249 1.06 -28.27 6.05
N LYS A 250 1.79 -29.17 5.39
CA LYS A 250 3.14 -29.52 5.79
C LYS A 250 4.11 -28.33 5.70
N LYS A 251 3.90 -27.46 4.71
CA LYS A 251 4.75 -26.30 4.57
C LYS A 251 4.72 -25.49 5.86
N LEU A 252 3.75 -25.78 6.73
CA LEU A 252 3.65 -25.04 7.97
C LEU A 252 4.66 -25.43 9.04
N GLN A 253 5.03 -24.42 9.84
CA GLN A 253 5.95 -24.61 10.94
C GLN A 253 5.42 -25.76 11.77
N PRO A 254 6.24 -26.29 12.67
CA PRO A 254 5.74 -27.41 13.48
C PRO A 254 4.48 -27.13 14.34
N THR A 255 4.52 -26.11 15.21
CA THR A 255 3.39 -25.80 16.10
C THR A 255 2.12 -25.33 15.39
N VAL A 256 2.26 -24.53 14.35
CA VAL A 256 1.12 -24.02 13.60
C VAL A 256 0.45 -25.09 12.76
N ARG A 257 1.22 -26.10 12.35
CA ARG A 257 0.65 -27.18 11.55
C ARG A 257 -0.30 -27.98 12.42
N THR A 258 0.11 -28.20 13.66
CA THR A 258 -0.70 -28.94 14.63
C THR A 258 -2.06 -28.26 14.70
N TYR A 259 -2.03 -27.02 15.17
CA TYR A 259 -3.21 -26.20 15.32
C TYR A 259 -4.23 -26.44 14.23
N VAL A 260 -3.82 -26.16 13.00
CA VAL A 260 -4.68 -26.36 11.86
C VAL A 260 -5.23 -27.77 11.85
N GLU A 261 -4.33 -28.74 11.97
CA GLU A 261 -4.67 -30.16 11.96
C GLU A 261 -5.59 -30.56 13.12
N ASN A 262 -5.68 -29.71 14.15
CA ASN A 262 -6.53 -30.01 15.28
C ASN A 262 -7.90 -29.39 15.09
N ARG A 263 -8.08 -28.66 13.99
CA ARG A 263 -9.37 -28.02 13.76
C ARG A 263 -10.28 -28.80 12.81
N PRO A 264 -11.61 -28.62 12.96
CA PRO A 264 -12.66 -29.27 12.16
C PRO A 264 -12.45 -29.14 10.65
N LYS A 265 -13.24 -29.86 9.89
CA LYS A 265 -13.10 -29.81 8.45
C LYS A 265 -13.84 -28.60 7.87
N TYR A 266 -13.09 -27.61 7.43
CA TYR A 266 -13.65 -26.38 6.88
C TYR A 266 -13.43 -26.24 5.38
N ALA A 267 -14.20 -26.95 4.57
CA ALA A 267 -14.03 -26.89 3.11
C ALA A 267 -14.43 -25.52 2.55
N GLY A 268 -14.63 -24.56 3.44
CA GLY A 268 -14.99 -23.22 3.02
C GLY A 268 -16.34 -23.12 2.32
N TYR A 269 -16.41 -22.21 1.35
CA TYR A 269 -17.63 -21.98 0.57
C TYR A 269 -17.18 -21.63 -0.86
N SER A 270 -18.12 -21.54 -1.78
CA SER A 270 -17.76 -21.20 -3.15
C SER A 270 -17.76 -19.69 -3.31
N PHE A 271 -17.09 -19.19 -4.35
CA PHE A 271 -17.04 -17.74 -4.57
C PHE A 271 -18.38 -17.20 -5.02
N GLU A 272 -19.31 -18.12 -5.27
CA GLU A 272 -20.66 -17.77 -5.69
C GLU A 272 -21.47 -17.41 -4.45
N LYS A 273 -21.30 -18.20 -3.39
CA LYS A 273 -22.02 -18.00 -2.11
C LYS A 273 -21.29 -16.98 -1.23
N LEU A 274 -19.96 -16.94 -1.35
CA LEU A 274 -19.14 -16.00 -0.60
C LEU A 274 -19.49 -14.59 -1.02
N PHE A 275 -19.36 -14.35 -2.33
CA PHE A 275 -19.66 -13.06 -2.93
C PHE A 275 -20.87 -13.22 -3.82
N PRO A 276 -22.05 -13.22 -3.21
CA PRO A 276 -23.32 -13.35 -3.95
C PRO A 276 -23.47 -12.26 -5.01
N ASP A 277 -24.28 -12.53 -6.02
CA ASP A 277 -24.52 -11.58 -7.10
C ASP A 277 -25.20 -10.32 -6.55
N VAL A 278 -25.88 -10.47 -5.42
CA VAL A 278 -26.56 -9.35 -4.78
C VAL A 278 -25.60 -8.18 -4.55
N LEU A 279 -24.42 -8.46 -4.02
CA LEU A 279 -23.42 -7.44 -3.76
C LEU A 279 -23.01 -6.64 -5.00
N PHE A 280 -23.29 -7.19 -6.19
CA PHE A 280 -22.93 -6.55 -7.46
C PHE A 280 -24.08 -5.77 -8.15
N PRO A 281 -23.78 -5.08 -9.27
CA PRO A 281 -24.80 -4.31 -10.00
C PRO A 281 -25.33 -5.09 -11.21
N ASN A 287 -22.22 -6.31 -18.98
CA ASN A 287 -22.50 -5.64 -17.72
C ASN A 287 -23.19 -6.60 -16.74
N LYS A 288 -23.42 -7.83 -17.20
CA LYS A 288 -24.07 -8.85 -16.37
C LYS A 288 -23.08 -9.92 -15.97
N LEU A 289 -22.15 -10.21 -16.88
CA LEU A 289 -21.12 -11.23 -16.65
C LEU A 289 -19.99 -10.60 -15.89
N LYS A 290 -19.77 -9.32 -16.15
CA LYS A 290 -18.70 -8.57 -15.49
C LYS A 290 -18.60 -8.93 -14.01
N ALA A 291 -19.75 -8.95 -13.33
CA ALA A 291 -19.76 -9.26 -11.91
C ALA A 291 -19.27 -10.67 -11.55
N SER A 292 -19.36 -11.60 -12.49
CA SER A 292 -18.91 -12.95 -12.22
C SER A 292 -17.51 -13.09 -12.81
N GLN A 293 -17.21 -12.16 -13.71
CA GLN A 293 -15.91 -12.06 -14.38
C GLN A 293 -14.94 -11.59 -13.29
N ALA A 294 -15.46 -10.73 -12.43
CA ALA A 294 -14.74 -10.15 -11.30
C ALA A 294 -14.63 -11.18 -10.18
N ARG A 295 -15.50 -12.18 -10.19
CA ARG A 295 -15.46 -13.21 -9.18
C ARG A 295 -14.32 -14.13 -9.57
N ASP A 296 -14.28 -14.50 -10.85
CA ASP A 296 -13.23 -15.38 -11.34
C ASP A 296 -11.86 -14.88 -10.89
N LEU A 297 -11.69 -13.56 -10.84
CA LEU A 297 -10.43 -12.97 -10.42
C LEU A 297 -10.17 -13.22 -8.94
N LEU A 298 -11.20 -12.98 -8.13
CA LEU A 298 -11.09 -13.20 -6.69
C LEU A 298 -10.71 -14.65 -6.43
N SER A 299 -11.38 -15.56 -7.13
CA SER A 299 -11.14 -17.00 -7.01
C SER A 299 -9.72 -17.37 -7.41
N LYS A 300 -8.90 -16.36 -7.73
CA LYS A 300 -7.54 -16.62 -8.12
C LYS A 300 -6.57 -15.72 -7.34
N MET A 301 -7.14 -14.79 -6.60
CA MET A 301 -6.37 -13.85 -5.82
C MET A 301 -6.42 -14.23 -4.35
N LEU A 302 -7.50 -14.88 -3.97
CA LEU A 302 -7.70 -15.33 -2.60
C LEU A 302 -7.43 -16.80 -2.52
N VAL A 303 -6.14 -17.14 -2.60
CA VAL A 303 -5.68 -18.51 -2.54
C VAL A 303 -4.65 -18.58 -1.43
N ILE A 304 -5.00 -19.24 -0.33
CA ILE A 304 -4.12 -19.36 0.83
C ILE A 304 -2.78 -19.96 0.47
N ASP A 305 -2.81 -21.03 -0.31
CA ASP A 305 -1.55 -21.64 -0.73
C ASP A 305 -0.89 -20.65 -1.67
N ALA A 306 0.04 -19.87 -1.13
CA ALA A 306 0.71 -18.86 -1.93
C ALA A 306 1.10 -19.31 -3.33
N SER A 307 1.47 -20.58 -3.45
CA SER A 307 1.93 -21.13 -4.73
C SER A 307 0.89 -21.29 -5.82
N LYS A 308 -0.36 -21.03 -5.50
CA LYS A 308 -1.42 -21.16 -6.51
C LYS A 308 -2.17 -19.84 -6.66
N ARG A 309 -1.63 -18.82 -6.03
CA ARG A 309 -2.23 -17.50 -6.06
C ARG A 309 -1.82 -16.78 -7.34
N ILE A 310 -2.76 -16.10 -7.96
CA ILE A 310 -2.52 -15.37 -9.21
C ILE A 310 -1.38 -14.37 -9.07
N SER A 311 -0.84 -13.92 -10.20
CA SER A 311 0.28 -12.97 -10.25
C SER A 311 -0.12 -11.62 -10.81
N VAL A 312 0.63 -10.58 -10.46
CA VAL A 312 0.35 -9.23 -10.95
C VAL A 312 0.15 -9.26 -12.45
N ASP A 313 1.12 -9.84 -13.16
CA ASP A 313 1.04 -9.93 -14.60
C ASP A 313 -0.30 -10.53 -14.99
N GLU A 314 -0.55 -11.77 -14.56
CA GLU A 314 -1.79 -12.46 -14.86
C GLU A 314 -3.02 -11.64 -14.50
N ALA A 315 -2.93 -10.90 -13.41
CA ALA A 315 -4.05 -10.09 -12.97
C ALA A 315 -4.35 -8.96 -13.94
N LEU A 316 -3.30 -8.29 -14.40
CA LEU A 316 -3.45 -7.19 -15.35
C LEU A 316 -4.02 -7.72 -16.67
N GLN A 317 -3.82 -9.01 -16.90
CA GLN A 317 -4.28 -9.66 -18.11
C GLN A 317 -5.67 -10.21 -17.93
N HIS A 318 -6.07 -10.38 -16.67
CA HIS A 318 -7.39 -10.89 -16.38
C HIS A 318 -8.39 -10.07 -17.21
N PRO A 319 -9.46 -10.72 -17.72
CA PRO A 319 -10.47 -10.04 -18.53
C PRO A 319 -11.23 -8.96 -17.78
N TYR A 320 -11.08 -8.94 -16.46
CA TYR A 320 -11.79 -7.95 -15.65
C TYR A 320 -10.97 -6.68 -15.47
N ILE A 321 -9.65 -6.81 -15.62
CA ILE A 321 -8.72 -5.69 -15.46
C ILE A 321 -8.08 -5.27 -16.76
N ASN A 322 -7.88 -6.25 -17.63
CA ASN A 322 -7.26 -6.05 -18.93
C ASN A 322 -7.85 -4.85 -19.68
N VAL A 323 -9.17 -4.68 -19.57
CA VAL A 323 -9.88 -3.57 -20.21
C VAL A 323 -9.07 -2.28 -20.22
N TRP A 324 -8.61 -1.89 -19.04
CA TRP A 324 -7.85 -0.65 -18.80
C TRP A 324 -6.36 -0.72 -19.06
N TYR A 325 -5.86 -1.91 -19.33
CA TYR A 325 -4.44 -2.12 -19.58
C TYR A 325 -3.82 -0.99 -20.42
N ASP A 326 -2.53 -0.79 -20.24
CA ASP A 326 -1.78 0.21 -20.98
C ASP A 326 -0.31 0.02 -20.65
N PRO A 327 0.47 -0.47 -21.62
CA PRO A 327 1.92 -0.72 -21.51
C PRO A 327 2.77 0.40 -20.91
N SER A 328 2.41 1.64 -21.21
CA SER A 328 3.14 2.80 -20.70
C SER A 328 3.06 2.81 -19.18
N GLU A 329 1.90 2.40 -18.68
CA GLU A 329 1.60 2.36 -17.24
C GLU A 329 1.96 1.00 -16.64
N ALA A 330 1.20 -0.03 -17.03
CA ALA A 330 1.45 -1.37 -16.52
C ALA A 330 2.92 -1.72 -16.60
N GLU A 331 3.40 -2.02 -17.81
CA GLU A 331 4.79 -2.36 -18.05
C GLU A 331 5.68 -1.12 -18.07
N ALA A 332 6.04 -0.62 -16.90
CA ALA A 332 6.89 0.56 -16.81
C ALA A 332 8.36 0.14 -16.68
N PRO A 333 9.29 1.05 -16.99
CA PRO A 333 10.71 0.73 -16.89
C PRO A 333 11.20 0.76 -15.44
N PRO A 334 11.91 -0.30 -15.00
CA PRO A 334 12.42 -0.35 -13.64
C PRO A 334 13.14 0.93 -13.21
N PRO A 335 12.89 1.40 -11.97
CA PRO A 335 13.45 2.61 -11.34
C PRO A 335 15.00 2.75 -11.27
N LYS A 336 15.64 2.11 -10.28
CA LYS A 336 17.10 2.22 -10.12
C LYS A 336 17.67 1.39 -8.94
N ILE A 337 19.01 1.34 -8.84
CA ILE A 337 19.68 0.62 -7.75
C ILE A 337 19.74 1.49 -6.52
N HIS A 347 27.03 0.49 9.61
CA HIS A 347 27.45 1.90 9.53
C HIS A 347 27.17 2.62 10.85
N THR A 348 28.14 3.40 11.33
CA THR A 348 27.97 4.12 12.59
C THR A 348 26.95 5.25 12.48
N ILE A 349 26.47 5.70 13.63
CA ILE A 349 25.50 6.79 13.70
C ILE A 349 25.96 7.94 12.81
N GLU A 350 27.20 8.39 13.02
CA GLU A 350 27.77 9.50 12.25
C GLU A 350 27.75 9.25 10.74
N GLU A 351 28.05 8.02 10.35
CA GLU A 351 28.06 7.65 8.94
C GLU A 351 26.69 7.85 8.29
N TRP A 352 25.64 7.65 9.08
CA TRP A 352 24.28 7.84 8.57
C TRP A 352 24.03 9.32 8.35
N LYS A 353 24.12 10.09 9.43
CA LYS A 353 23.91 11.52 9.38
C LYS A 353 24.54 12.06 8.08
N GLU A 354 25.77 11.63 7.81
CA GLU A 354 26.45 12.07 6.62
C GLU A 354 25.71 11.57 5.39
N LEU A 355 25.37 10.29 5.40
CA LEU A 355 24.65 9.69 4.28
C LEU A 355 23.34 10.42 4.00
N ILE A 356 22.43 10.34 4.95
CA ILE A 356 21.14 10.98 4.85
C ILE A 356 21.34 12.38 4.30
N TYR A 357 22.15 13.18 4.99
CA TYR A 357 22.44 14.56 4.58
C TYR A 357 22.86 14.61 3.12
N LYS A 358 23.83 13.78 2.77
CA LYS A 358 24.30 13.72 1.41
C LYS A 358 23.09 13.54 0.50
N GLU A 359 22.12 12.77 0.99
CA GLU A 359 20.90 12.48 0.25
C GLU A 359 19.94 13.64 0.15
N VAL A 360 19.73 14.34 1.25
CA VAL A 360 18.82 15.49 1.23
C VAL A 360 19.49 16.61 0.45
N MET A 361 20.80 16.51 0.27
CA MET A 361 21.58 17.50 -0.45
C MET A 361 21.68 17.30 -1.97
N ASP A 362 21.53 16.06 -2.45
CA ASP A 362 21.56 15.82 -3.90
C ASP A 362 20.28 16.51 -4.44
N LEU A 363 19.42 16.93 -3.51
CA LEU A 363 18.14 17.59 -3.77
C LEU A 363 17.10 16.68 -4.42
N PRO B 2 -13.53 2.41 -24.10
CA PRO B 2 -14.05 2.45 -22.71
C PRO B 2 -13.42 3.63 -21.95
N LYS B 3 -14.10 4.77 -21.93
CA LYS B 3 -13.59 5.97 -21.26
C LYS B 3 -13.41 5.81 -19.74
N ARG B 4 -12.16 5.90 -19.28
CA ARG B 4 -11.82 5.75 -17.86
C ARG B 4 -12.50 6.77 -16.96
N PRO B 5 -13.16 6.30 -15.89
CA PRO B 5 -13.88 7.15 -14.93
C PRO B 5 -13.07 8.32 -14.34
N THR B 6 -13.52 9.55 -14.61
CA THR B 6 -12.85 10.76 -14.14
C THR B 6 -13.50 11.38 -12.92
N THR B 7 -14.30 10.58 -12.24
CA THR B 7 -15.03 11.00 -11.06
C THR B 7 -15.03 9.88 -9.98
N LEU B 8 -14.92 10.30 -8.71
CA LEU B 8 -14.93 9.36 -7.60
C LEU B 8 -15.55 10.08 -6.40
N ASN B 9 -16.61 9.51 -5.85
CA ASN B 9 -17.33 10.12 -4.73
C ASN B 9 -16.89 9.71 -3.32
N LEU B 10 -15.95 10.46 -2.77
CA LEU B 10 -15.44 10.17 -1.45
C LEU B 10 -16.44 10.48 -0.34
N PHE B 11 -17.18 11.58 -0.51
CA PHE B 11 -18.16 12.03 0.48
C PHE B 11 -19.16 10.95 0.90
C1 537 C . -4.98 11.52 2.46
C2 537 C . -3.78 11.90 1.78
C3 537 C . -2.52 11.55 2.34
C4 537 C . -2.44 10.81 3.60
C5 537 C . -3.68 10.45 4.26
C6 537 C . -4.93 10.81 3.69
C11 537 C . -0.10 11.54 2.27
C12 537 C . 0.89 11.99 1.48
C13 537 C . 2.25 11.74 1.82
C14 537 C . 2.52 11.01 3.06
C15 537 C . 1.41 10.56 3.89
C16 537 C . 0.06 10.84 3.47
C20 537 C . -1.13 10.45 4.17
C21 537 C . -1.30 11.90 1.70
O22 537 C . -1.05 9.80 5.29
N23 537 C . -1.03 12.58 0.54
N24 537 C . 0.30 12.62 0.42
#